data_7KYV
#
_entry.id   7KYV
#
_cell.length_a   85.288
_cell.length_b   85.288
_cell.length_c   139.216
_cell.angle_alpha   90.000
_cell.angle_beta   90.000
_cell.angle_gamma   120.000
#
_symmetry.space_group_name_H-M   'P 64'
#
loop_
_entity.id
_entity.type
_entity.pdbx_description
1 polymer 'Dihydroorotate dehydrogenase (quinone), mitochondrial'
2 non-polymer 3-methyl-N-[(1R)-1-(5-methyl-1,2-oxazol-3-yl)ethyl]-4-{[4-(trifluoromethyl)phenyl]methyl}-1H-pyrrole-2-carboxamide
3 non-polymer 'FLAVIN MONONUCLEOTIDE'
4 non-polymer 'OROTIC ACID'
5 non-polymer GLYCEROL
6 water water
#
_entity_poly.entity_id   1
_entity_poly.type   'polypeptide(L)'
_entity_poly.pdbx_seq_one_letter_code
;FESYNPEFFLYDIFLKFCLKYIDGEICHDLFLLLGKYNILPYDTSNDSIYACTNIKHLDFINPFGVAAGFDKNGVCIDSI
LKLGFSFIEIGTITPRGQTGNAKPRIFRDVESRSIINSCGFNNMGCDKVTENLILFRKRQEEDKLLSKHIVGVSIGKNKD
TVNIVDDLKYCINKIGRYADYIAINVSSPNTPGLRDNQEAGKLKNIILSVKEEIDNLEKNNIMNDEFLWFNTTKKKPLVF
VKLAPDLNQEQKKEIADVLLETNIDGMIISNTTTQINDIKSFENKKGGVSGAKLKDISTKFICEMYNYTNKQIPIIASGG
IFSGLDALEKIEAGASVCQLYSCLVFNGMKSAVQIKRELNHLLYQRGYYNLKEAIGRKHSKS
;
_entity_poly.pdbx_strand_id   A
#
# COMPACT_ATOMS: atom_id res chain seq x y z
N ASN A 5 13.71 21.25 7.66
CA ASN A 5 14.71 20.18 7.74
C ASN A 5 15.28 20.01 9.16
N PRO A 6 15.54 21.10 9.85
CA PRO A 6 15.84 20.97 11.29
C PRO A 6 14.84 20.11 12.03
N GLU A 7 13.57 20.09 11.60
CA GLU A 7 12.59 19.21 12.23
C GLU A 7 12.88 17.75 11.91
N PHE A 8 13.15 17.46 10.64
CA PHE A 8 13.46 16.09 10.26
C PHE A 8 14.72 15.59 10.95
N PHE A 9 15.67 16.48 11.21
CA PHE A 9 16.91 16.08 11.85
C PHE A 9 16.67 15.55 13.25
N LEU A 10 15.83 16.23 14.02
CA LEU A 10 15.53 15.80 15.38
C LEU A 10 14.86 14.44 15.40
N TYR A 11 13.91 14.19 14.50
CA TYR A 11 13.21 12.92 14.50
C TYR A 11 14.09 11.75 14.09
N ASP A 12 15.16 12.01 13.34
CA ASP A 12 16.11 10.94 13.02
C ASP A 12 16.87 10.51 14.27
N ILE A 13 17.14 11.45 15.16
CA ILE A 13 17.77 11.10 16.43
C ILE A 13 16.85 10.16 17.21
N PHE A 14 15.56 10.51 17.33
CA PHE A 14 14.62 9.64 18.04
C PHE A 14 14.49 8.30 17.36
N LEU A 15 14.52 8.31 16.03
CA LEU A 15 14.45 7.06 15.28
C LEU A 15 15.54 6.10 15.71
N LYS A 16 16.79 6.55 15.63
CA LYS A 16 17.92 5.67 15.92
C LYS A 16 17.78 5.03 17.30
N PHE A 17 17.42 5.84 18.31
CA PHE A 17 17.31 5.32 19.67
C PHE A 17 16.21 4.26 19.77
N CYS A 18 15.15 4.48 18.97
CA CYS A 18 13.96 3.60 18.93
C CYS A 18 14.36 2.22 18.39
N LEU A 19 15.13 2.23 17.33
CA LEU A 19 15.46 1.00 16.66
C LEU A 19 16.35 0.15 17.54
N LYS A 20 17.16 0.78 18.39
CA LYS A 20 18.08 0.01 19.20
C LYS A 20 17.47 -0.45 20.52
N TYR A 21 16.69 0.40 21.18
CA TYR A 21 16.32 0.16 22.56
C TYR A 21 14.88 -0.29 22.74
N ILE A 22 13.99 0.08 21.81
CA ILE A 22 12.56 -0.09 21.96
C ILE A 22 12.06 -1.21 21.07
N ASP A 23 11.03 -1.90 21.55
CA ASP A 23 10.33 -2.89 20.74
C ASP A 23 9.67 -2.21 19.54
N GLY A 24 9.74 -2.89 18.39
CA GLY A 24 9.33 -2.27 17.14
C GLY A 24 7.89 -1.84 17.13
N GLU A 25 6.99 -2.69 17.61
CA GLU A 25 5.59 -2.31 17.67
C GLU A 25 5.37 -1.11 18.58
N ILE A 26 6.21 -0.92 19.60
CA ILE A 26 6.00 0.18 20.52
C ILE A 26 6.38 1.51 19.85
N CYS A 27 7.44 1.44 19.06
CA CYS A 27 7.89 2.57 18.24
C CYS A 27 6.88 2.95 17.19
N HIS A 28 6.39 1.92 16.51
CA HIS A 28 5.36 2.09 15.52
C HIS A 28 4.14 2.78 16.12
N ASP A 29 3.81 2.44 17.37
CA ASP A 29 2.67 3.07 18.02
C ASP A 29 2.97 4.52 18.38
N LEU A 30 4.22 4.80 18.75
CA LEU A 30 4.62 6.17 19.02
C LEU A 30 4.54 7.01 17.76
N PHE A 31 5.06 6.48 16.66
CA PHE A 31 4.92 7.11 15.37
C PHE A 31 3.48 7.58 15.16
N LEU A 32 2.55 6.64 15.29
CA LEU A 32 1.16 6.96 15.01
C LEU A 32 0.59 7.93 16.03
N LEU A 33 1.04 7.84 17.28
CA LEU A 33 0.60 8.80 18.27
C LEU A 33 1.07 10.21 17.92
N LEU A 34 2.34 10.34 17.55
CA LEU A 34 2.84 11.65 17.15
C LEU A 34 2.03 12.18 15.98
N GLY A 35 1.67 11.29 15.07
CA GLY A 35 0.87 11.70 13.93
C GLY A 35 -0.52 12.08 14.34
N LYS A 36 -1.11 11.31 15.26
CA LYS A 36 -2.49 11.59 15.66
C LYS A 36 -2.62 12.98 16.26
N TYR A 37 -1.56 13.49 16.89
CA TYR A 37 -1.58 14.81 17.48
C TYR A 37 -0.82 15.85 16.65
N ASN A 38 -0.41 15.49 15.44
CA ASN A 38 0.02 16.47 14.45
C ASN A 38 1.28 17.21 14.90
N ILE A 39 2.29 16.43 15.30
CA ILE A 39 3.57 17.00 15.67
C ILE A 39 4.71 16.41 14.83
N LEU A 40 4.38 15.84 13.70
CA LEU A 40 5.40 15.46 12.73
C LEU A 40 5.64 16.61 11.75
N PRO A 41 6.75 16.57 11.02
CA PRO A 41 7.06 17.65 10.08
C PRO A 41 6.24 17.57 8.81
N TYR A 42 6.21 18.66 8.08
CA TYR A 42 5.47 18.79 6.84
C TYR A 42 6.42 18.90 5.67
N ASP A 43 5.97 18.44 4.51
CA ASP A 43 6.67 18.69 3.24
C ASP A 43 5.74 19.56 2.40
N THR A 44 5.96 20.87 2.45
CA THR A 44 5.10 21.84 1.76
C THR A 44 5.60 22.20 0.38
N SER A 45 6.55 21.44 -0.13
CA SER A 45 7.13 21.77 -1.42
C SER A 45 6.21 21.34 -2.55
N ASN A 46 6.24 22.12 -3.63
CA ASN A 46 5.58 21.73 -4.86
C ASN A 46 6.30 20.52 -5.44
N ASP A 47 5.54 19.47 -5.74
CA ASP A 47 6.12 18.26 -6.32
C ASP A 47 6.38 18.49 -7.80
N SER A 48 7.49 17.93 -8.28
CA SER A 48 7.89 18.11 -9.67
C SER A 48 6.78 17.65 -10.60
N ILE A 49 6.47 18.49 -11.60
CA ILE A 49 5.42 18.13 -12.54
C ILE A 49 5.85 16.95 -13.41
N TYR A 50 7.16 16.76 -13.59
CA TYR A 50 7.65 15.67 -14.41
C TYR A 50 7.67 14.34 -13.68
N ALA A 51 7.36 14.33 -12.38
CA ALA A 51 7.39 13.11 -11.58
C ALA A 51 6.00 12.60 -11.26
N CYS A 52 4.96 13.28 -11.69
CA CYS A 52 3.61 12.82 -11.44
C CYS A 52 3.33 11.56 -12.26
N THR A 53 2.21 10.90 -11.94
CA THR A 53 1.82 9.68 -12.61
C THR A 53 0.34 9.41 -12.36
N ASN A 54 -0.15 8.30 -12.91
CA ASN A 54 -1.56 7.98 -12.83
C ASN A 54 -1.77 6.48 -13.01
N ILE A 55 -2.83 5.98 -12.39
CA ILE A 55 -3.32 4.63 -12.63
C ILE A 55 -4.68 4.80 -13.30
N LYS A 56 -4.71 4.62 -14.62
CA LYS A 56 -5.93 4.83 -15.43
C LYS A 56 -6.34 6.27 -15.21
N HIS A 57 -7.54 6.57 -14.72
CA HIS A 57 -7.99 7.94 -14.51
C HIS A 57 -7.72 8.44 -13.09
N LEU A 58 -6.84 7.77 -12.35
CA LEU A 58 -6.48 8.17 -10.99
C LEU A 58 -5.13 8.88 -11.02
N ASP A 59 -5.08 10.11 -10.52
CA ASP A 59 -3.93 10.98 -10.67
C ASP A 59 -3.16 11.07 -9.36
N PHE A 60 -1.83 11.00 -9.46
CA PHE A 60 -0.95 11.04 -8.31
C PHE A 60 -0.01 12.22 -8.48
N ILE A 61 -0.05 13.15 -7.52
CA ILE A 61 0.82 14.32 -7.62
C ILE A 61 2.29 13.94 -7.58
N ASN A 62 2.64 12.77 -7.04
CA ASN A 62 3.97 12.23 -7.12
C ASN A 62 3.89 10.73 -6.99
N PRO A 63 4.97 9.99 -7.24
CA PRO A 63 4.85 8.54 -7.40
C PRO A 63 5.07 7.74 -6.13
N PHE A 64 4.90 8.35 -4.97
CA PHE A 64 5.27 7.67 -3.74
C PHE A 64 4.17 7.77 -2.71
N GLY A 65 3.77 6.62 -2.19
CA GLY A 65 2.82 6.55 -1.11
C GLY A 65 3.25 5.55 -0.07
N VAL A 66 2.40 5.32 0.91
CA VAL A 66 2.67 4.40 1.99
C VAL A 66 1.82 3.15 1.80
N ALA A 67 2.43 1.99 1.99
CA ALA A 67 1.77 0.71 1.75
C ALA A 67 0.80 0.37 2.89
N ALA A 68 -0.03 -0.63 2.63
CA ALA A 68 -0.94 -1.13 3.63
C ALA A 68 -0.19 -1.76 4.81
N GLY A 69 -0.85 -1.75 5.96
CA GLY A 69 -0.29 -2.27 7.18
C GLY A 69 0.37 -1.24 8.06
N PHE A 70 0.77 -0.09 7.49
CA PHE A 70 1.40 0.96 8.29
C PHE A 70 0.37 1.68 9.14
N ASP A 71 -0.68 2.20 8.53
CA ASP A 71 -1.82 2.75 9.26
C ASP A 71 -3.02 1.82 9.05
N LYS A 72 -2.98 0.67 9.71
CA LYS A 72 -4.05 -0.32 9.51
C LYS A 72 -5.43 0.25 9.83
N ASN A 73 -5.52 1.26 10.70
CA ASN A 73 -6.81 1.76 11.16
C ASN A 73 -7.09 3.20 10.76
N GLY A 74 -6.30 3.76 9.86
CA GLY A 74 -6.59 5.10 9.41
C GLY A 74 -6.65 6.14 10.50
N VAL A 75 -5.83 6.01 11.55
CA VAL A 75 -5.85 6.99 12.62
C VAL A 75 -4.84 8.13 12.41
N CYS A 76 -4.05 8.08 11.34
CA CYS A 76 -2.87 8.92 11.18
C CYS A 76 -2.70 9.36 9.73
N ILE A 77 -3.81 9.48 9.00
CA ILE A 77 -3.73 9.72 7.55
C ILE A 77 -3.14 11.10 7.27
N ASP A 78 -3.68 12.13 7.93
CA ASP A 78 -3.24 13.49 7.65
C ASP A 78 -1.72 13.59 7.70
N SER A 79 -1.13 13.15 8.81
CA SER A 79 0.27 13.43 9.05
C SER A 79 1.18 12.58 8.19
N ILE A 80 0.74 11.39 7.83
CA ILE A 80 1.57 10.59 6.94
C ILE A 80 1.63 11.23 5.56
N LEU A 81 0.47 11.64 5.04
CA LEU A 81 0.43 12.24 3.72
C LEU A 81 1.25 13.51 3.68
N LYS A 82 1.12 14.35 4.70
CA LYS A 82 1.85 15.61 4.80
C LYS A 82 3.35 15.41 4.95
N LEU A 83 3.82 14.19 5.11
CA LEU A 83 5.25 13.96 5.06
C LEU A 83 5.81 14.08 3.65
N GLY A 84 4.95 14.08 2.64
CA GLY A 84 5.43 14.23 1.28
C GLY A 84 4.94 13.09 0.41
N PHE A 85 4.03 12.28 0.93
CA PHE A 85 3.49 11.16 0.16
C PHE A 85 2.27 11.62 -0.63
N SER A 86 2.16 11.11 -1.86
CA SER A 86 0.99 11.41 -2.68
C SER A 86 -0.24 10.59 -2.30
N PHE A 87 -0.06 9.47 -1.61
CA PHE A 87 -1.21 8.65 -1.23
C PHE A 87 -0.82 7.71 -0.11
N ILE A 88 -1.83 7.02 0.39
CA ILE A 88 -1.66 6.04 1.44
C ILE A 88 -2.68 4.94 1.22
N GLU A 89 -2.30 3.73 1.56
CA GLU A 89 -3.20 2.59 1.58
C GLU A 89 -3.40 2.18 3.03
N ILE A 90 -4.59 2.42 3.56
CA ILE A 90 -4.91 1.96 4.92
C ILE A 90 -5.41 0.52 4.91
N GLY A 91 -5.48 -0.09 6.09
CA GLY A 91 -5.70 -1.51 6.24
C GLY A 91 -4.42 -2.32 6.25
N THR A 92 -4.56 -3.62 5.99
CA THR A 92 -5.82 -4.25 5.66
C THR A 92 -6.83 -4.28 6.79
N ILE A 93 -8.08 -3.93 6.47
CA ILE A 93 -9.17 -3.95 7.42
C ILE A 93 -10.00 -5.19 7.17
N THR A 94 -10.80 -5.57 8.17
CA THR A 94 -11.74 -6.66 8.10
C THR A 94 -13.08 -6.16 8.60
N PRO A 95 -14.15 -6.91 8.37
CA PRO A 95 -15.49 -6.42 8.76
C PRO A 95 -15.61 -6.15 10.24
N ARG A 96 -15.06 -7.03 11.06
CA ARG A 96 -15.07 -6.85 12.51
C ARG A 96 -13.64 -6.76 12.99
N GLY A 97 -13.47 -6.08 14.11
CA GLY A 97 -12.15 -5.90 14.67
C GLY A 97 -11.60 -7.20 15.22
N GLN A 98 -10.28 -7.38 15.08
CA GLN A 98 -9.64 -8.58 15.57
C GLN A 98 -8.27 -8.22 16.13
N THR A 99 -7.78 -9.07 17.04
CA THR A 99 -6.54 -8.76 17.76
C THR A 99 -5.30 -9.17 16.98
N GLY A 100 -5.40 -10.17 16.13
CA GLY A 100 -4.23 -10.68 15.44
C GLY A 100 -3.45 -11.59 16.37
N ASN A 101 -2.28 -12.01 15.91
CA ASN A 101 -1.45 -12.93 16.69
C ASN A 101 -0.89 -12.22 17.93
N ALA A 102 -0.13 -12.96 18.73
CA ALA A 102 0.35 -12.48 20.02
C ALA A 102 1.68 -11.74 19.90
N LYS A 103 1.82 -10.67 20.69
CA LYS A 103 3.04 -9.86 20.70
C LYS A 103 4.11 -10.55 21.53
N PRO A 104 5.39 -10.39 21.16
CA PRO A 104 5.88 -9.61 20.01
C PRO A 104 5.64 -10.33 18.68
N ARG A 105 5.07 -9.63 17.70
CA ARG A 105 4.76 -10.22 16.41
C ARG A 105 5.56 -9.64 15.27
N ILE A 106 6.28 -8.53 15.48
CA ILE A 106 7.12 -7.93 14.45
C ILE A 106 8.55 -7.87 14.98
N PHE A 107 9.51 -8.15 14.10
CA PHE A 107 10.90 -8.04 14.44
C PHE A 107 11.66 -7.44 13.26
N ARG A 108 12.55 -6.49 13.57
CA ARG A 108 13.32 -5.77 12.59
C ARG A 108 14.79 -6.18 12.68
N ASP A 109 15.49 -6.07 11.55
CA ASP A 109 16.92 -6.36 11.46
C ASP A 109 17.58 -5.13 10.83
N VAL A 110 18.03 -4.21 11.68
CA VAL A 110 18.63 -2.97 11.19
C VAL A 110 19.71 -3.28 10.17
N GLU A 111 20.57 -4.25 10.49
CA GLU A 111 21.73 -4.53 9.66
C GLU A 111 21.34 -4.72 8.20
N SER A 112 20.35 -5.57 7.94
CA SER A 112 19.94 -5.89 6.58
C SER A 112 18.76 -5.05 6.12
N ARG A 113 18.34 -4.07 6.91
CA ARG A 113 17.17 -3.26 6.58
C ARG A 113 15.99 -4.14 6.19
N SER A 114 15.73 -5.17 6.99
CA SER A 114 14.66 -6.11 6.71
C SER A 114 13.77 -6.25 7.93
N ILE A 115 12.58 -6.81 7.70
CA ILE A 115 11.58 -6.95 8.75
C ILE A 115 10.85 -8.27 8.53
N ILE A 116 10.35 -8.83 9.62
CA ILE A 116 9.52 -10.03 9.60
C ILE A 116 8.34 -9.80 10.53
N ASN A 117 7.15 -10.17 10.07
CA ASN A 117 5.95 -9.86 10.81
C ASN A 117 4.99 -11.04 10.78
N SER A 118 4.13 -11.09 11.80
CA SER A 118 3.10 -12.12 11.91
C SER A 118 1.88 -11.54 12.63
N CYS A 119 1.49 -10.31 12.27
CA CYS A 119 0.45 -9.61 13.03
C CYS A 119 -0.87 -10.35 12.99
N GLY A 120 -1.31 -10.73 11.80
CA GLY A 120 -2.58 -11.43 11.64
C GLY A 120 -3.78 -10.52 11.45
N PHE A 121 -3.64 -9.48 10.62
CA PHE A 121 -4.74 -8.58 10.30
C PHE A 121 -5.36 -7.99 11.56
N ASN A 122 -4.53 -7.55 12.50
CA ASN A 122 -5.07 -6.85 13.65
C ASN A 122 -5.60 -5.49 13.21
N ASN A 123 -6.87 -5.22 13.52
CA ASN A 123 -7.45 -3.92 13.23
C ASN A 123 -8.74 -3.76 14.01
N MET A 124 -9.22 -2.52 14.09
CA MET A 124 -10.42 -2.20 14.84
C MET A 124 -11.69 -2.59 14.12
N GLY A 125 -11.60 -3.15 12.92
CA GLY A 125 -12.77 -3.46 12.14
C GLY A 125 -13.21 -2.31 11.26
N CYS A 126 -14.12 -2.62 10.36
CA CYS A 126 -14.47 -1.68 9.30
C CYS A 126 -15.40 -0.57 9.77
N ASP A 127 -16.35 -0.85 10.66
CA ASP A 127 -17.21 0.22 11.15
C ASP A 127 -16.40 1.36 11.76
N LYS A 128 -15.36 1.03 12.53
CA LYS A 128 -14.56 2.04 13.21
C LYS A 128 -13.62 2.74 12.23
N VAL A 129 -12.93 1.96 11.40
CA VAL A 129 -12.00 2.55 10.45
C VAL A 129 -12.75 3.44 9.48
N THR A 130 -13.99 3.10 9.17
CA THR A 130 -14.80 3.92 8.28
C THR A 130 -15.06 5.29 8.87
N GLU A 131 -15.40 5.35 10.17
CA GLU A 131 -15.63 6.65 10.77
C GLU A 131 -14.33 7.44 10.88
N ASN A 132 -13.20 6.74 10.97
CA ASN A 132 -11.91 7.41 10.92
C ASN A 132 -11.67 8.05 9.56
N LEU A 133 -12.03 7.34 8.49
CA LEU A 133 -11.81 7.88 7.15
C LEU A 133 -12.77 9.03 6.87
N ILE A 134 -14.00 8.93 7.35
CA ILE A 134 -14.97 10.01 7.17
C ILE A 134 -14.42 11.30 7.76
N LEU A 135 -13.85 11.21 8.96
CA LEU A 135 -13.31 12.40 9.59
C LEU A 135 -12.16 12.97 8.78
N PHE A 136 -11.26 12.10 8.32
CA PHE A 136 -10.17 12.56 7.45
C PHE A 136 -10.74 13.30 6.25
N ARG A 137 -11.76 12.73 5.60
CA ARG A 137 -12.33 13.34 4.41
C ARG A 137 -12.95 14.70 4.73
N LYS A 138 -13.50 14.86 5.93
CA LYS A 138 -13.95 16.18 6.35
C LYS A 138 -12.77 17.13 6.48
N ARG A 139 -11.75 16.73 7.22
CA ARG A 139 -10.56 17.56 7.34
C ARG A 139 -9.96 17.85 5.98
N GLN A 140 -9.95 16.84 5.09
CA GLN A 140 -9.31 17.03 3.81
C GLN A 140 -9.89 18.24 3.08
N GLU A 141 -11.21 18.44 3.21
CA GLU A 141 -11.86 19.56 2.54
C GLU A 141 -11.38 20.89 3.10
N GLU A 142 -10.92 20.90 4.34
CA GLU A 142 -10.51 22.13 5.01
C GLU A 142 -9.03 22.45 4.84
N ASP A 143 -8.23 21.51 4.35
CA ASP A 143 -6.77 21.59 4.43
C ASP A 143 -6.15 21.55 3.04
N LYS A 144 -5.38 22.60 2.72
CA LYS A 144 -4.83 22.71 1.37
C LYS A 144 -3.60 21.84 1.15
N LEU A 145 -3.06 21.24 2.20
CA LEU A 145 -2.01 20.26 2.06
C LEU A 145 -2.54 18.87 1.73
N LEU A 146 -3.84 18.64 1.88
CA LEU A 146 -4.43 17.32 1.69
C LEU A 146 -5.22 17.20 0.40
N SER A 147 -5.44 18.31 -0.30
CA SER A 147 -6.18 18.26 -1.53
C SER A 147 -5.39 17.48 -2.57
N LYS A 148 -6.08 16.61 -3.31
CA LYS A 148 -5.50 15.80 -4.36
C LYS A 148 -4.63 14.66 -3.84
N HIS A 149 -4.64 14.41 -2.54
CA HIS A 149 -3.97 13.25 -1.98
C HIS A 149 -4.95 12.08 -1.98
N ILE A 150 -4.45 10.91 -2.38
CA ILE A 150 -5.26 9.73 -2.63
C ILE A 150 -5.20 8.82 -1.40
N VAL A 151 -6.36 8.27 -1.02
CA VAL A 151 -6.43 7.29 0.05
C VAL A 151 -7.09 6.02 -0.49
N GLY A 152 -6.34 4.92 -0.46
CA GLY A 152 -6.89 3.63 -0.79
C GLY A 152 -7.15 2.81 0.45
N VAL A 153 -7.94 1.75 0.29
CA VAL A 153 -8.35 0.91 1.41
C VAL A 153 -8.06 -0.54 1.05
N SER A 154 -7.19 -1.18 1.82
CA SER A 154 -6.91 -2.61 1.71
C SER A 154 -7.96 -3.38 2.51
N ILE A 155 -8.55 -4.40 1.88
CA ILE A 155 -9.64 -5.13 2.50
C ILE A 155 -9.33 -6.63 2.50
N GLY A 156 -9.67 -7.29 3.60
CA GLY A 156 -9.46 -8.71 3.73
C GLY A 156 -10.53 -9.41 4.54
N LYS A 157 -10.20 -10.60 5.05
CA LYS A 157 -11.15 -11.40 5.81
C LYS A 157 -10.61 -11.65 7.22
N ASN A 158 -11.48 -12.17 8.07
CA ASN A 158 -11.11 -12.48 9.44
C ASN A 158 -10.48 -13.86 9.54
N LYS A 159 -9.67 -14.05 10.58
CA LYS A 159 -9.13 -15.37 10.88
C LYS A 159 -10.22 -16.43 10.84
N ASP A 160 -11.39 -16.12 11.39
CA ASP A 160 -12.46 -17.11 11.55
C ASP A 160 -13.28 -17.29 10.29
N THR A 161 -13.39 -16.26 9.46
CA THR A 161 -14.35 -16.27 8.38
C THR A 161 -14.06 -17.38 7.38
N VAL A 162 -15.14 -18.00 6.90
CA VAL A 162 -15.03 -19.06 5.90
C VAL A 162 -15.17 -18.50 4.49
N ASN A 163 -16.15 -17.63 4.27
CA ASN A 163 -16.41 -17.06 2.96
C ASN A 163 -15.59 -15.78 2.79
N ILE A 164 -14.54 -15.85 1.98
CA ILE A 164 -13.72 -14.67 1.73
C ILE A 164 -14.59 -13.54 1.18
N VAL A 165 -15.52 -13.87 0.28
CA VAL A 165 -16.27 -12.84 -0.43
C VAL A 165 -17.27 -12.14 0.48
N ASP A 166 -17.80 -12.86 1.46
CA ASP A 166 -18.76 -12.26 2.39
C ASP A 166 -18.16 -11.09 3.15
N ASP A 167 -16.86 -11.15 3.46
CA ASP A 167 -16.22 -10.09 4.22
C ASP A 167 -15.98 -8.86 3.34
N LEU A 168 -15.61 -9.09 2.09
CA LEU A 168 -15.25 -7.97 1.22
C LEU A 168 -16.45 -7.10 0.89
N LYS A 169 -17.60 -7.72 0.60
CA LYS A 169 -18.77 -6.95 0.22
C LYS A 169 -19.24 -6.07 1.36
N TYR A 170 -19.15 -6.57 2.58
CA TYR A 170 -19.53 -5.75 3.73
C TYR A 170 -18.63 -4.52 3.84
N CYS A 171 -17.32 -4.72 3.69
CA CYS A 171 -16.40 -3.59 3.73
C CYS A 171 -16.73 -2.56 2.66
N ILE A 172 -16.95 -3.03 1.44
CA ILE A 172 -17.23 -2.11 0.34
C ILE A 172 -18.48 -1.29 0.64
N ASN A 173 -19.54 -1.95 1.03
CA ASN A 173 -20.78 -1.23 1.27
C ASN A 173 -20.62 -0.24 2.39
N LYS A 174 -19.74 -0.53 3.33
CA LYS A 174 -19.57 0.34 4.47
C LYS A 174 -18.65 1.53 4.18
N ILE A 175 -17.56 1.31 3.46
CA ILE A 175 -16.47 2.28 3.31
C ILE A 175 -16.16 2.60 1.86
N GLY A 176 -16.88 2.01 0.93
CA GLY A 176 -16.59 2.24 -0.47
C GLY A 176 -16.75 3.68 -0.90
N ARG A 177 -17.73 4.39 -0.33
CA ARG A 177 -18.00 5.75 -0.77
C ARG A 177 -16.80 6.67 -0.54
N TYR A 178 -16.00 6.37 0.47
CA TYR A 178 -14.95 7.26 0.95
C TYR A 178 -13.56 6.85 0.47
N ALA A 179 -13.46 5.84 -0.37
CA ALA A 179 -12.19 5.35 -0.83
C ALA A 179 -11.94 5.78 -2.26
N ASP A 180 -10.68 6.11 -2.56
CA ASP A 180 -10.33 6.42 -3.94
C ASP A 180 -10.11 5.15 -4.74
N TYR A 181 -9.57 4.12 -4.10
CA TYR A 181 -9.47 2.81 -4.71
C TYR A 181 -9.56 1.77 -3.60
N ILE A 182 -9.81 0.53 -4.00
CA ILE A 182 -9.91 -0.61 -3.10
C ILE A 182 -8.83 -1.59 -3.49
N ALA A 183 -8.13 -2.14 -2.50
CA ALA A 183 -7.10 -3.14 -2.74
C ALA A 183 -7.53 -4.46 -2.10
N ILE A 184 -7.68 -5.49 -2.93
CA ILE A 184 -8.08 -6.81 -2.47
C ILE A 184 -6.84 -7.58 -2.03
N ASN A 185 -6.78 -7.91 -0.74
CA ASN A 185 -5.59 -8.55 -0.17
C ASN A 185 -5.86 -10.05 -0.09
N VAL A 186 -5.25 -10.80 -1.01
CA VAL A 186 -5.29 -12.26 -1.01
C VAL A 186 -3.85 -12.75 -0.95
N SER A 187 -2.96 -11.91 -0.38
CA SER A 187 -1.52 -12.15 -0.40
C SER A 187 -0.86 -12.14 0.98
N SER A 188 -1.61 -11.91 2.05
CA SER A 188 -1.03 -11.95 3.38
C SER A 188 -0.63 -13.38 3.72
N PRO A 189 0.56 -13.59 4.28
CA PRO A 189 0.97 -14.94 4.67
C PRO A 189 0.57 -15.34 6.09
N ASN A 190 0.12 -14.40 6.93
CA ASN A 190 -0.06 -14.64 8.35
C ASN A 190 -1.52 -14.85 8.75
N THR A 191 -2.40 -15.06 7.79
CA THR A 191 -3.77 -15.52 8.04
C THR A 191 -3.98 -16.82 7.28
N PRO A 192 -4.18 -17.95 7.96
CA PRO A 192 -4.07 -19.25 7.28
C PRO A 192 -5.08 -19.41 6.15
N GLY A 193 -4.58 -19.84 4.99
CA GLY A 193 -5.42 -20.21 3.88
C GLY A 193 -5.81 -19.10 2.94
N LEU A 194 -5.38 -17.87 3.20
CA LEU A 194 -5.79 -16.75 2.36
C LEU A 194 -5.16 -16.84 0.98
N ARG A 195 -3.87 -17.18 0.90
CA ARG A 195 -3.22 -17.24 -0.40
C ARG A 195 -3.89 -18.23 -1.32
N ASP A 196 -4.53 -19.27 -0.76
CA ASP A 196 -5.23 -20.24 -1.59
C ASP A 196 -6.29 -19.60 -2.47
N ASN A 197 -6.79 -18.42 -2.08
CA ASN A 197 -7.77 -17.71 -2.89
C ASN A 197 -7.16 -17.11 -4.15
N GLN A 198 -5.83 -17.06 -4.25
CA GLN A 198 -5.20 -16.51 -5.43
C GLN A 198 -5.36 -17.40 -6.66
N GLU A 199 -5.68 -18.69 -6.48
CA GLU A 199 -5.89 -19.57 -7.62
C GLU A 199 -6.97 -18.99 -8.54
N ALA A 200 -6.68 -19.02 -9.85
CA ALA A 200 -7.48 -18.25 -10.81
C ALA A 200 -8.98 -18.45 -10.59
N GLY A 201 -9.41 -19.69 -10.40
CA GLY A 201 -10.83 -19.94 -10.24
C GLY A 201 -11.44 -19.15 -9.10
N LYS A 202 -10.78 -19.18 -7.95
CA LYS A 202 -11.30 -18.44 -6.81
C LYS A 202 -11.13 -16.94 -6.98
N LEU A 203 -10.01 -16.52 -7.57
CA LEU A 203 -9.72 -15.09 -7.66
C LEU A 203 -10.72 -14.39 -8.55
N LYS A 204 -10.88 -14.87 -9.78
CA LYS A 204 -11.83 -14.26 -10.69
C LYS A 204 -13.18 -14.06 -10.02
N ASN A 205 -13.67 -15.09 -9.32
CA ASN A 205 -14.92 -14.95 -8.59
C ASN A 205 -14.86 -13.78 -7.61
N ILE A 206 -13.70 -13.58 -6.96
CA ILE A 206 -13.59 -12.53 -5.96
C ILE A 206 -13.62 -11.16 -6.65
N ILE A 207 -12.82 -10.99 -7.69
CA ILE A 207 -12.77 -9.72 -8.38
C ILE A 207 -14.16 -9.31 -8.84
N LEU A 208 -14.80 -10.19 -9.62
CA LEU A 208 -16.08 -9.84 -10.21
C LEU A 208 -17.09 -9.47 -9.13
N SER A 209 -17.07 -10.20 -8.02
CA SER A 209 -18.00 -9.88 -6.94
C SER A 209 -17.68 -8.52 -6.34
N VAL A 210 -16.39 -8.18 -6.23
CA VAL A 210 -16.01 -6.88 -5.71
C VAL A 210 -16.47 -5.79 -6.67
N LYS A 211 -16.03 -5.87 -7.92
CA LYS A 211 -16.42 -4.88 -8.91
C LYS A 211 -17.92 -4.68 -8.90
N GLU A 212 -18.67 -5.75 -8.65
CA GLU A 212 -20.11 -5.66 -8.66
C GLU A 212 -20.60 -4.78 -7.52
N GLU A 213 -20.14 -5.07 -6.30
CA GLU A 213 -20.68 -4.36 -5.15
C GLU A 213 -20.37 -2.87 -5.21
N ILE A 214 -19.26 -2.48 -5.82
CA ILE A 214 -18.95 -1.07 -5.98
C ILE A 214 -20.02 -0.38 -6.82
N ASP A 215 -20.46 -1.04 -7.89
CA ASP A 215 -21.41 -0.41 -8.79
C ASP A 215 -22.78 -0.26 -8.14
N ASN A 216 -23.15 -1.18 -7.27
CA ASN A 216 -24.49 -1.11 -6.68
C ASN A 216 -24.63 0.09 -5.75
N LEU A 217 -23.54 0.54 -5.13
CA LEU A 217 -23.60 1.79 -4.41
C LEU A 217 -23.95 2.95 -5.35
N GLU A 218 -23.32 2.97 -6.53
CA GLU A 218 -23.61 4.02 -7.51
C GLU A 218 -25.04 3.90 -8.00
N LYS A 219 -25.45 2.68 -8.35
CA LYS A 219 -26.75 2.48 -8.99
C LYS A 219 -27.86 3.10 -8.17
N ASN A 220 -28.04 2.63 -6.93
CA ASN A 220 -29.15 3.06 -6.09
C ASN A 220 -28.65 4.14 -5.14
N ASN A 221 -28.74 5.39 -5.57
CA ASN A 221 -28.45 6.52 -4.72
C ASN A 221 -29.31 7.68 -5.21
N ILE A 222 -30.01 8.34 -4.29
CA ILE A 222 -30.88 9.42 -4.75
C ILE A 222 -30.07 10.66 -5.10
N MET A 223 -28.90 10.82 -4.49
CA MET A 223 -28.14 12.05 -4.66
C MET A 223 -27.16 11.92 -5.81
N ASN A 224 -26.61 13.07 -6.19
CA ASN A 224 -25.66 13.15 -7.28
C ASN A 224 -24.38 12.39 -6.93
N ASP A 225 -23.51 12.27 -7.94
CA ASP A 225 -22.21 11.65 -7.71
C ASP A 225 -21.35 12.51 -6.79
N GLU A 226 -21.55 13.83 -6.81
CA GLU A 226 -20.73 14.71 -5.99
C GLU A 226 -20.88 14.42 -4.51
N PHE A 227 -22.05 13.94 -4.09
CA PHE A 227 -22.30 13.66 -2.68
C PHE A 227 -22.27 12.17 -2.37
N LEU A 228 -22.22 11.32 -3.39
CA LEU A 228 -22.06 9.88 -3.14
C LEU A 228 -20.60 9.53 -2.90
N TRP A 229 -19.71 10.04 -3.74
CA TRP A 229 -18.28 9.74 -3.63
C TRP A 229 -17.64 10.84 -2.80
N PHE A 230 -17.59 10.63 -1.49
CA PHE A 230 -16.93 11.55 -0.55
C PHE A 230 -15.47 11.14 -0.43
N ASN A 231 -14.75 11.32 -1.53
CA ASN A 231 -13.36 10.95 -1.64
C ASN A 231 -12.64 12.06 -2.40
N THR A 232 -11.48 11.73 -2.96
CA THR A 232 -10.68 12.68 -3.70
C THR A 232 -11.10 12.73 -5.17
N THR A 233 -11.34 11.58 -5.78
CA THR A 233 -11.69 11.52 -7.19
C THR A 233 -13.12 11.95 -7.47
N LYS A 234 -14.01 11.88 -6.48
CA LYS A 234 -15.44 12.10 -6.70
C LYS A 234 -16.01 11.10 -7.70
N LYS A 235 -15.32 9.97 -7.88
CA LYS A 235 -15.77 8.86 -8.70
C LYS A 235 -15.73 7.60 -7.85
N LYS A 236 -16.29 6.52 -8.40
CA LYS A 236 -16.24 5.24 -7.71
C LYS A 236 -14.79 4.76 -7.55
N PRO A 237 -14.51 4.03 -6.47
CA PRO A 237 -13.13 3.60 -6.24
C PRO A 237 -12.67 2.61 -7.29
N LEU A 238 -11.41 2.74 -7.70
CA LEU A 238 -10.82 1.73 -8.55
C LEU A 238 -10.71 0.40 -7.79
N VAL A 239 -10.29 -0.63 -8.50
CA VAL A 239 -10.14 -1.95 -7.91
C VAL A 239 -8.74 -2.46 -8.21
N PHE A 240 -7.94 -2.63 -7.16
CA PHE A 240 -6.61 -3.22 -7.24
C PHE A 240 -6.60 -4.54 -6.50
N VAL A 241 -5.63 -5.38 -6.82
CA VAL A 241 -5.44 -6.66 -6.15
C VAL A 241 -3.97 -6.80 -5.84
N LYS A 242 -3.65 -7.03 -4.57
CA LYS A 242 -2.27 -7.22 -4.13
C LYS A 242 -1.94 -8.71 -4.09
N LEU A 243 -0.86 -9.07 -4.75
CA LEU A 243 -0.49 -10.46 -4.91
C LEU A 243 0.78 -10.76 -4.13
N ALA A 244 0.93 -12.04 -3.73
CA ALA A 244 2.11 -12.53 -3.03
C ALA A 244 3.15 -13.01 -4.02
N PRO A 245 4.44 -12.95 -3.65
CA PRO A 245 5.50 -13.41 -4.55
C PRO A 245 5.74 -14.92 -4.51
N ASP A 246 5.16 -15.64 -3.54
CA ASP A 246 5.44 -17.07 -3.36
C ASP A 246 4.51 -17.91 -4.24
N LEU A 247 4.63 -17.70 -5.55
CA LEU A 247 3.86 -18.46 -6.52
C LEU A 247 4.82 -18.99 -7.59
N ASN A 248 4.61 -20.23 -8.02
CA ASN A 248 5.30 -20.73 -9.19
C ASN A 248 4.82 -19.96 -10.43
N GLN A 249 5.58 -20.08 -11.52
CA GLN A 249 5.37 -19.18 -12.65
C GLN A 249 4.11 -19.52 -13.44
N GLU A 250 3.69 -20.79 -13.40
CA GLU A 250 2.46 -21.11 -14.08
C GLU A 250 1.26 -20.50 -13.33
N GLN A 251 1.28 -20.54 -12.00
CA GLN A 251 0.23 -19.88 -11.22
C GLN A 251 0.13 -18.40 -11.58
N LYS A 252 1.26 -17.75 -11.84
CA LYS A 252 1.23 -16.34 -12.22
C LYS A 252 0.50 -16.14 -13.54
N LYS A 253 0.72 -17.04 -14.50
CA LYS A 253 0.07 -16.89 -15.79
C LYS A 253 -1.44 -17.01 -15.66
N GLU A 254 -1.91 -18.01 -14.90
CA GLU A 254 -3.34 -18.17 -14.75
C GLU A 254 -3.96 -16.94 -14.10
N ILE A 255 -3.22 -16.27 -13.21
CA ILE A 255 -3.76 -15.07 -12.59
C ILE A 255 -3.80 -13.93 -13.59
N ALA A 256 -2.76 -13.81 -14.42
CA ALA A 256 -2.66 -12.68 -15.33
C ALA A 256 -3.91 -12.54 -16.19
N ASP A 257 -4.31 -13.62 -16.87
CA ASP A 257 -5.43 -13.49 -17.81
C ASP A 257 -6.75 -13.32 -17.08
N VAL A 258 -6.86 -13.83 -15.85
CA VAL A 258 -8.03 -13.53 -15.05
C VAL A 258 -8.13 -12.03 -14.81
N LEU A 259 -7.01 -11.39 -14.48
CA LEU A 259 -7.01 -9.94 -14.37
C LEU A 259 -7.48 -9.31 -15.67
N LEU A 260 -7.00 -9.82 -16.80
CA LEU A 260 -7.43 -9.30 -18.09
C LEU A 260 -8.91 -9.59 -18.32
N GLU A 261 -9.36 -10.77 -17.91
CA GLU A 261 -10.77 -11.13 -18.12
C GLU A 261 -11.68 -10.20 -17.35
N THR A 262 -11.26 -9.78 -16.16
CA THR A 262 -12.10 -8.99 -15.27
C THR A 262 -11.95 -7.49 -15.45
N ASN A 263 -10.96 -7.03 -16.23
CA ASN A 263 -10.68 -5.61 -16.39
C ASN A 263 -10.33 -4.97 -15.04
N ILE A 264 -9.46 -5.65 -14.29
CA ILE A 264 -8.96 -5.10 -13.04
C ILE A 264 -8.24 -3.81 -13.32
N ASP A 265 -8.40 -2.84 -12.42
CA ASP A 265 -7.84 -1.51 -12.65
C ASP A 265 -6.35 -1.45 -12.35
N GLY A 266 -5.83 -2.38 -11.57
CA GLY A 266 -4.41 -2.37 -11.24
C GLY A 266 -4.03 -3.59 -10.43
N MET A 267 -2.71 -3.76 -10.29
CA MET A 267 -2.14 -4.86 -9.54
C MET A 267 -1.00 -4.35 -8.70
N ILE A 268 -1.01 -4.70 -7.41
CA ILE A 268 0.05 -4.33 -6.48
C ILE A 268 1.02 -5.51 -6.36
N ILE A 269 2.29 -5.26 -6.66
CA ILE A 269 3.35 -6.26 -6.63
C ILE A 269 4.52 -5.66 -5.86
N SER A 270 4.87 -6.25 -4.72
CA SER A 270 4.27 -7.48 -4.20
C SER A 270 4.03 -7.43 -2.69
N ASN A 271 3.54 -8.55 -2.12
CA ASN A 271 3.36 -8.65 -0.68
C ASN A 271 4.60 -9.31 -0.06
N THR A 272 4.59 -9.44 1.27
CA THR A 272 5.73 -10.02 1.97
C THR A 272 5.94 -11.46 1.51
N THR A 273 7.15 -11.98 1.77
CA THR A 273 7.53 -13.30 1.31
C THR A 273 8.04 -14.14 2.47
N THR A 274 7.92 -15.45 2.31
CA THR A 274 8.45 -16.42 3.26
C THR A 274 9.61 -17.21 2.68
N GLN A 275 10.02 -16.92 1.44
CA GLN A 275 11.10 -17.67 0.83
C GLN A 275 12.46 -17.32 1.42
N ILE A 276 12.58 -16.19 2.09
CA ILE A 276 13.87 -15.75 2.60
C ILE A 276 14.20 -16.57 3.84
N ASN A 277 15.42 -17.12 3.87
CA ASN A 277 15.90 -17.89 5.02
C ASN A 277 17.33 -17.53 5.39
N ASP A 278 17.87 -16.44 4.85
CA ASP A 278 19.28 -16.10 5.09
C ASP A 278 19.46 -15.29 6.36
N ILE A 279 18.50 -14.45 6.73
CA ILE A 279 18.73 -13.49 7.81
C ILE A 279 18.81 -14.21 9.15
N LYS A 280 19.88 -13.93 9.89
CA LYS A 280 20.13 -14.68 11.11
C LYS A 280 18.94 -14.56 12.09
N SER A 281 18.62 -13.34 12.51
CA SER A 281 17.76 -13.11 13.67
C SER A 281 16.30 -13.45 13.40
N PHE A 282 15.94 -13.70 12.16
CA PHE A 282 14.61 -14.15 11.83
C PHE A 282 14.55 -15.67 11.74
N GLU A 283 15.68 -16.35 11.90
CA GLU A 283 15.67 -17.82 11.84
C GLU A 283 14.76 -18.41 12.91
N ASN A 284 14.71 -17.78 14.08
CA ASN A 284 13.85 -18.25 15.15
C ASN A 284 12.38 -17.93 14.89
N LYS A 285 12.10 -16.91 14.10
CA LYS A 285 10.77 -16.32 14.04
C LYS A 285 9.99 -16.84 12.83
N LYS A 286 8.67 -16.66 12.92
CA LYS A 286 7.74 -17.03 11.86
C LYS A 286 7.08 -15.77 11.29
N GLY A 287 6.69 -15.84 10.02
CA GLY A 287 5.91 -14.80 9.39
C GLY A 287 6.49 -14.36 8.06
N GLY A 288 5.89 -13.29 7.50
CA GLY A 288 6.29 -12.79 6.21
C GLY A 288 7.33 -11.69 6.33
N VAL A 289 8.29 -11.72 5.42
CA VAL A 289 9.47 -10.87 5.51
C VAL A 289 9.41 -9.80 4.43
N SER A 290 9.81 -8.59 4.79
CA SER A 290 9.85 -7.50 3.83
C SER A 290 11.13 -6.72 4.06
N GLY A 291 11.49 -5.91 3.05
CA GLY A 291 12.66 -5.06 3.13
C GLY A 291 13.58 -5.21 1.93
N ALA A 292 14.86 -4.92 2.14
CA ALA A 292 15.83 -4.96 1.05
C ALA A 292 15.86 -6.34 0.40
N LYS A 293 15.95 -7.39 1.22
CA LYS A 293 16.04 -8.73 0.66
C LYS A 293 14.87 -9.04 -0.26
N LEU A 294 13.73 -8.39 -0.03
CA LEU A 294 12.57 -8.57 -0.89
C LEU A 294 12.69 -7.76 -2.18
N LYS A 295 13.67 -6.88 -2.29
CA LYS A 295 13.73 -5.99 -3.44
C LYS A 295 13.85 -6.76 -4.75
N ASP A 296 14.95 -7.51 -4.92
CA ASP A 296 15.22 -8.15 -6.20
C ASP A 296 14.08 -9.06 -6.63
N ILE A 297 13.50 -9.81 -5.69
CA ILE A 297 12.42 -10.72 -6.04
C ILE A 297 11.18 -9.96 -6.47
N SER A 298 10.89 -8.82 -5.82
CA SER A 298 9.74 -8.02 -6.20
C SER A 298 9.89 -7.51 -7.62
N THR A 299 11.09 -7.04 -7.98
CA THR A 299 11.28 -6.47 -9.29
C THR A 299 10.98 -7.49 -10.38
N LYS A 300 11.49 -8.71 -10.22
CA LYS A 300 11.26 -9.74 -11.22
C LYS A 300 9.78 -10.05 -11.33
N PHE A 301 9.11 -10.22 -10.20
CA PHE A 301 7.67 -10.49 -10.21
C PHE A 301 6.93 -9.43 -11.00
N ILE A 302 7.45 -8.20 -11.02
CA ILE A 302 6.79 -7.14 -11.77
C ILE A 302 6.96 -7.36 -13.27
N CYS A 303 8.19 -7.62 -13.71
CA CYS A 303 8.42 -7.77 -15.14
C CYS A 303 7.62 -8.93 -15.71
N GLU A 304 7.49 -10.03 -14.96
CA GLU A 304 6.72 -11.17 -15.45
C GLU A 304 5.26 -10.80 -15.63
N MET A 305 4.64 -10.25 -14.58
CA MET A 305 3.22 -9.90 -14.66
C MET A 305 2.99 -8.84 -15.73
N TYR A 306 3.85 -7.84 -15.79
CA TYR A 306 3.82 -6.89 -16.90
C TYR A 306 3.87 -7.61 -18.24
N ASN A 307 4.59 -8.74 -18.29
CA ASN A 307 4.64 -9.54 -19.49
C ASN A 307 3.34 -10.30 -19.71
N TYR A 308 2.89 -11.02 -18.68
CA TYR A 308 1.73 -11.87 -18.85
C TYR A 308 0.48 -11.07 -19.18
N THR A 309 0.41 -9.80 -18.76
CA THR A 309 -0.75 -8.96 -19.04
C THR A 309 -0.54 -8.08 -20.26
N ASN A 310 0.54 -8.30 -21.00
CA ASN A 310 0.82 -7.55 -22.23
C ASN A 310 0.81 -6.05 -21.99
N LYS A 311 1.15 -5.64 -20.77
CA LYS A 311 1.30 -4.23 -20.40
C LYS A 311 -0.02 -3.50 -20.32
N GLN A 312 -1.12 -4.20 -20.10
CA GLN A 312 -2.44 -3.59 -20.11
C GLN A 312 -3.02 -3.41 -18.71
N ILE A 313 -2.34 -3.85 -17.67
CA ILE A 313 -2.80 -3.73 -16.30
C ILE A 313 -1.81 -2.83 -15.55
N PRO A 314 -2.26 -1.69 -15.04
CA PRO A 314 -1.33 -0.83 -14.29
C PRO A 314 -0.75 -1.55 -13.08
N ILE A 315 0.52 -1.29 -12.80
CA ILE A 315 1.25 -1.94 -11.73
C ILE A 315 1.56 -0.92 -10.64
N ILE A 316 1.31 -1.30 -9.39
CA ILE A 316 1.77 -0.59 -8.21
C ILE A 316 2.90 -1.40 -7.60
N ALA A 317 4.02 -0.75 -7.32
CA ALA A 317 5.22 -1.45 -6.90
C ALA A 317 5.37 -1.45 -5.38
N SER A 318 5.75 -2.61 -4.84
CA SER A 318 5.98 -2.74 -3.41
C SER A 318 7.06 -3.76 -3.16
N GLY A 319 7.81 -3.57 -2.08
CA GLY A 319 8.81 -4.54 -1.69
C GLY A 319 10.26 -4.14 -1.89
N GLY A 320 10.88 -3.61 -0.84
CA GLY A 320 12.29 -3.29 -0.90
C GLY A 320 12.67 -2.02 -1.61
N ILE A 321 11.92 -0.94 -1.40
CA ILE A 321 12.20 0.34 -2.04
C ILE A 321 12.73 1.28 -0.98
N PHE A 322 14.03 1.58 -1.04
CA PHE A 322 14.67 2.52 -0.12
C PHE A 322 15.28 3.71 -0.84
N SER A 323 15.70 3.54 -2.09
CA SER A 323 16.45 4.55 -2.81
C SER A 323 15.64 5.07 -3.99
N GLY A 324 16.08 6.22 -4.52
CA GLY A 324 15.54 6.70 -5.78
C GLY A 324 15.89 5.79 -6.93
N LEU A 325 17.00 5.05 -6.81
CA LEU A 325 17.34 4.07 -7.84
C LEU A 325 16.46 2.84 -7.71
N ASP A 326 16.28 2.34 -6.49
CA ASP A 326 15.33 1.26 -6.25
C ASP A 326 14.00 1.59 -6.91
N ALA A 327 13.60 2.86 -6.87
CA ALA A 327 12.31 3.25 -7.44
C ALA A 327 12.34 3.15 -8.96
N LEU A 328 13.35 3.76 -9.58
CA LEU A 328 13.45 3.73 -11.03
C LEU A 328 13.49 2.30 -11.55
N GLU A 329 14.14 1.39 -10.83
CA GLU A 329 14.12 -0.01 -11.21
C GLU A 329 12.68 -0.52 -11.28
N LYS A 330 11.89 -0.22 -10.25
CA LYS A 330 10.50 -0.68 -10.24
C LYS A 330 9.71 -0.04 -11.37
N ILE A 331 9.97 1.23 -11.66
CA ILE A 331 9.25 1.89 -12.76
C ILE A 331 9.67 1.32 -14.10
N GLU A 332 10.98 1.23 -14.32
CA GLU A 332 11.47 0.65 -15.56
C GLU A 332 10.89 -0.74 -15.79
N ALA A 333 10.64 -1.48 -14.71
CA ALA A 333 10.07 -2.81 -14.87
C ALA A 333 8.60 -2.76 -15.27
N GLY A 334 7.94 -1.61 -15.14
CA GLY A 334 6.57 -1.48 -15.60
C GLY A 334 5.61 -0.87 -14.59
N ALA A 335 6.12 -0.48 -13.44
CA ALA A 335 5.29 0.09 -12.39
C ALA A 335 5.13 1.60 -12.58
N SER A 336 3.96 2.09 -12.17
CA SER A 336 3.64 3.51 -12.30
C SER A 336 3.79 4.28 -10.99
N VAL A 337 3.42 3.67 -9.86
CA VAL A 337 3.59 4.28 -8.55
C VAL A 337 4.31 3.29 -7.64
N CYS A 338 4.99 3.82 -6.63
CA CYS A 338 5.77 3.04 -5.70
C CYS A 338 5.22 3.19 -4.29
N GLN A 339 5.17 2.09 -3.55
CA GLN A 339 4.71 2.06 -2.17
C GLN A 339 5.89 1.79 -1.26
N LEU A 340 5.90 2.42 -0.09
CA LEU A 340 7.00 2.31 0.86
C LEU A 340 6.48 1.79 2.20
N TYR A 341 7.32 1.01 2.87
CA TYR A 341 7.05 0.55 4.23
C TYR A 341 8.35 0.50 5.02
N SER A 342 9.21 -0.46 4.68
CA SER A 342 10.46 -0.66 5.42
C SER A 342 11.29 0.61 5.43
N CYS A 343 11.26 1.35 4.32
CA CYS A 343 11.99 2.59 4.23
C CYS A 343 11.59 3.52 5.36
N LEU A 344 10.29 3.68 5.57
CA LEU A 344 9.83 4.54 6.64
C LEU A 344 10.36 4.06 7.98
N VAL A 345 10.47 2.74 8.15
CA VAL A 345 10.89 2.19 9.42
C VAL A 345 12.36 2.49 9.67
N PHE A 346 13.19 2.44 8.63
CA PHE A 346 14.62 2.58 8.79
C PHE A 346 15.13 3.96 8.42
N ASN A 347 14.33 4.78 7.74
CA ASN A 347 14.76 6.12 7.36
C ASN A 347 13.96 7.23 8.01
N GLY A 348 12.71 6.99 8.37
CA GLY A 348 12.00 7.90 9.24
C GLY A 348 11.26 9.03 8.55
N MET A 349 11.16 10.17 9.24
CA MET A 349 10.29 11.24 8.75
C MET A 349 10.69 11.69 7.36
N LYS A 350 11.98 11.58 7.03
CA LYS A 350 12.53 12.11 5.79
C LYS A 350 12.34 11.19 4.60
N SER A 351 11.71 10.03 4.78
CA SER A 351 11.68 9.04 3.70
C SER A 351 11.18 9.65 2.39
N ALA A 352 10.08 10.40 2.44
CA ALA A 352 9.45 10.88 1.21
C ALA A 352 10.24 12.03 0.61
N VAL A 353 10.61 12.99 1.46
CA VAL A 353 11.43 14.10 1.00
C VAL A 353 12.65 13.59 0.26
N GLN A 354 13.33 12.58 0.82
CA GLN A 354 14.60 12.13 0.29
C GLN A 354 14.41 11.33 -1.01
N ILE A 355 13.47 10.39 -1.00
CA ILE A 355 13.35 9.53 -2.17
C ILE A 355 12.80 10.31 -3.36
N LYS A 356 12.05 11.38 -3.11
CA LYS A 356 11.49 12.15 -4.21
C LYS A 356 12.57 12.90 -4.97
N ARG A 357 13.48 13.55 -4.24
CA ARG A 357 14.52 14.33 -4.92
C ARG A 357 15.55 13.41 -5.57
N GLU A 358 15.88 12.30 -4.93
CA GLU A 358 16.78 11.32 -5.53
C GLU A 358 16.27 10.88 -6.89
N LEU A 359 15.01 10.47 -6.95
CA LEU A 359 14.45 10.07 -8.24
C LEU A 359 14.46 11.24 -9.22
N ASN A 360 14.10 12.43 -8.76
CA ASN A 360 14.14 13.60 -9.62
C ASN A 360 15.53 13.76 -10.25
N HIS A 361 16.56 13.78 -9.42
CA HIS A 361 17.92 13.93 -9.94
C HIS A 361 18.28 12.78 -10.86
N LEU A 362 17.75 11.59 -10.62
CA LEU A 362 18.09 10.45 -11.46
C LEU A 362 17.40 10.52 -12.81
N LEU A 363 16.13 10.94 -12.83
CA LEU A 363 15.41 11.05 -14.10
C LEU A 363 16.13 12.00 -15.05
N TYR A 364 16.68 13.10 -14.53
CA TYR A 364 17.39 14.06 -15.36
C TYR A 364 18.67 13.46 -15.92
N GLN A 365 19.39 12.71 -15.09
CA GLN A 365 20.66 12.12 -15.52
C GLN A 365 20.44 11.09 -16.62
N ARG A 366 19.41 10.26 -16.49
CA ARG A 366 19.14 9.21 -17.47
C ARG A 366 18.43 9.75 -18.70
N GLY A 367 18.18 11.05 -18.77
CA GLY A 367 17.61 11.62 -19.97
C GLY A 367 16.16 11.30 -20.19
N TYR A 368 15.38 11.17 -19.12
CA TYR A 368 13.94 11.00 -19.26
C TYR A 368 13.27 12.37 -19.21
N TYR A 369 12.34 12.62 -20.12
CA TYR A 369 11.57 13.86 -20.06
C TYR A 369 10.71 13.92 -18.81
N ASN A 370 9.91 12.88 -18.57
CA ASN A 370 9.10 12.77 -17.37
C ASN A 370 9.13 11.32 -16.90
N LEU A 371 8.40 11.05 -15.81
CA LEU A 371 8.42 9.70 -15.25
C LEU A 371 7.67 8.72 -16.15
N LYS A 372 6.59 9.18 -16.78
CA LYS A 372 5.73 8.27 -17.52
C LYS A 372 6.50 7.49 -18.59
N GLU A 373 7.50 8.12 -19.20
CA GLU A 373 8.24 7.44 -20.27
C GLU A 373 9.10 6.30 -19.73
N ALA A 374 9.69 6.49 -18.56
CA ALA A 374 10.53 5.46 -17.99
C ALA A 374 9.74 4.21 -17.63
N ILE A 375 8.41 4.28 -17.59
CA ILE A 375 7.62 3.11 -17.20
C ILE A 375 7.79 2.03 -18.25
N GLY A 376 8.26 0.86 -17.82
CA GLY A 376 8.31 -0.30 -18.69
C GLY A 376 9.30 -0.24 -19.83
N ARG A 377 10.31 0.63 -19.74
CA ARG A 377 11.33 0.67 -20.80
C ARG A 377 12.26 -0.54 -20.75
N LYS A 378 12.27 -1.31 -19.67
CA LYS A 378 13.04 -2.56 -19.61
C LYS A 378 12.39 -3.61 -20.54
#